data_1U12
#
_entry.id   1U12
#
_cell.length_a   57.126
_cell.length_b   57.126
_cell.length_c   193.037
_cell.angle_alpha   90.00
_cell.angle_beta   90.00
_cell.angle_gamma   90.00
#
_symmetry.space_group_name_H-M   'P 41 21 2'
#
loop_
_entity.id
_entity.type
_entity.pdbx_description
1 polymer 'cyclic nucleotide binding domain'
2 non-polymer 'IODIDE ION'
3 non-polymer 'SULFATE ION'
4 non-polymer 'POTASSIUM ION'
5 water water
#
_entity_poly.entity_id   1
_entity_poly.type   'polypeptide(L)'
_entity_poly.pdbx_seq_one_letter_code
;VRRGDFVRNWQLVAAVPLFQKLGPAVLVEIVRALRARTVPAGAVICRIGEPGDRMFFVVEGSVSVATPNPVELGPGAFFG
EMALISGEPRSATVSAATTVSLLSLHSADFQMLCSSSPEIAEIFRKTALEARGAAASA
;
_entity_poly.pdbx_strand_id   A,B
#
loop_
_chem_comp.id
_chem_comp.type
_chem_comp.name
_chem_comp.formula
IOD non-polymer 'IODIDE ION' 'I -1'
K non-polymer 'POTASSIUM ION' 'K 1'
SO4 non-polymer 'SULFATE ION' 'O4 S -2'
#
# COMPACT_ATOMS: atom_id res chain seq x y z
N ARG A 2 -10.80 -7.05 0.30
CA ARG A 2 -11.02 -5.58 0.40
C ARG A 2 -9.73 -4.78 0.18
N ARG A 3 -9.86 -3.46 0.23
CA ARG A 3 -8.72 -2.55 0.04
C ARG A 3 -8.37 -1.97 1.41
N GLY A 4 -9.28 -2.15 2.36
CA GLY A 4 -9.05 -1.65 3.70
C GLY A 4 -8.04 -2.49 4.44
N ASP A 5 -8.18 -3.80 4.36
CA ASP A 5 -7.25 -4.69 5.03
C ASP A 5 -5.90 -4.73 4.31
N PHE A 6 -5.87 -4.22 3.09
CA PHE A 6 -4.62 -4.19 2.33
C PHE A 6 -3.72 -3.14 2.96
N VAL A 7 -4.32 -1.99 3.23
CA VAL A 7 -3.61 -0.87 3.83
C VAL A 7 -3.04 -1.19 5.19
N ARG A 8 -3.79 -1.94 5.99
CA ARG A 8 -3.32 -2.26 7.31
C ARG A 8 -2.36 -3.45 7.27
N ASN A 9 -2.47 -4.28 6.23
CA ASN A 9 -1.57 -5.41 6.10
C ASN A 9 -0.25 -4.83 5.60
N TRP A 10 -0.35 -3.65 5.00
CA TRP A 10 0.81 -2.94 4.50
C TRP A 10 1.51 -2.28 5.67
N GLN A 11 0.74 -1.59 6.50
CA GLN A 11 1.32 -0.92 7.68
C GLN A 11 1.86 -1.92 8.69
N LEU A 12 1.22 -3.09 8.79
CA LEU A 12 1.66 -4.15 9.66
C LEU A 12 3.09 -4.52 9.28
N VAL A 13 3.24 -4.93 8.01
CA VAL A 13 4.54 -5.33 7.46
C VAL A 13 5.57 -4.19 7.50
N ALA A 14 5.17 -3.03 6.98
CA ALA A 14 6.04 -1.86 6.93
C ALA A 14 6.62 -1.43 8.27
N ALA A 15 6.06 -1.94 9.36
CA ALA A 15 6.55 -1.56 10.68
C ALA A 15 7.60 -2.54 11.21
N VAL A 16 7.74 -3.70 10.56
CA VAL A 16 8.73 -4.68 10.99
C VAL A 16 10.08 -4.27 10.41
N PRO A 17 11.09 -4.11 11.27
CA PRO A 17 12.46 -3.72 10.91
C PRO A 17 13.11 -4.55 9.83
N LEU A 18 12.71 -5.82 9.73
CA LEU A 18 13.28 -6.69 8.73
C LEU A 18 13.03 -6.16 7.34
N PHE A 19 11.94 -5.43 7.19
CA PHE A 19 11.63 -4.85 5.89
C PHE A 19 11.94 -3.38 5.89
N GLN A 20 13.26 -3.13 6.00
CA GLN A 20 13.85 -1.80 6.13
C GLN A 20 14.28 -1.11 4.83
N LYS A 21 13.92 0.14 4.60
CA LYS A 21 14.45 0.81 3.40
C LYS A 21 14.11 0.12 2.07
N LEU A 22 13.11 -0.71 2.15
CA LEU A 22 12.58 -1.39 1.01
C LEU A 22 11.50 -0.44 0.46
N GLY A 23 11.60 -0.25 -0.89
CA GLY A 23 10.69 0.55 -1.69
C GLY A 23 9.29 -0.06 -1.67
N PRO A 24 8.26 0.78 -1.91
CA PRO A 24 6.90 0.25 -1.85
C PRO A 24 6.70 -0.93 -2.77
N ALA A 25 7.30 -0.74 -3.93
CA ALA A 25 7.28 -1.70 -5.02
C ALA A 25 7.55 -3.09 -4.48
N VAL A 26 8.31 -3.19 -3.40
CA VAL A 26 8.67 -4.48 -2.81
C VAL A 26 7.70 -4.94 -1.75
N LEU A 27 7.35 -4.04 -0.83
CA LEU A 27 6.43 -4.38 0.24
C LEU A 27 5.07 -4.83 -0.31
N VAL A 28 4.75 -4.36 -1.51
CA VAL A 28 3.49 -4.72 -2.14
C VAL A 28 3.50 -6.21 -2.38
N GLU A 29 4.64 -6.68 -2.87
CA GLU A 29 4.82 -8.09 -3.16
C GLU A 29 4.69 -8.94 -1.92
N ILE A 30 5.36 -8.53 -0.83
CA ILE A 30 5.31 -9.27 0.43
C ILE A 30 3.87 -9.42 0.88
N VAL A 31 3.16 -8.32 0.94
CA VAL A 31 1.76 -8.31 1.34
C VAL A 31 0.91 -9.31 0.57
N ARG A 32 1.26 -9.68 -0.67
CA ARG A 32 0.41 -10.59 -1.45
C ARG A 32 0.87 -12.06 -1.40
N ALA A 33 1.93 -12.29 -0.69
CA ALA A 33 2.35 -13.66 -0.49
C ALA A 33 1.80 -14.03 0.88
N LEU A 34 1.26 -13.03 1.60
CA LEU A 34 0.75 -13.28 2.93
C LEU A 34 -0.51 -14.15 2.94
N ARG A 35 -0.51 -15.19 3.78
CA ARG A 35 -1.65 -16.08 3.87
C ARG A 35 -2.39 -15.88 5.19
N ALA A 36 -3.68 -15.56 5.10
CA ALA A 36 -4.49 -15.32 6.27
C ALA A 36 -4.84 -16.61 7.03
N ARG A 37 -4.86 -16.51 8.36
CA ARG A 37 -5.16 -17.65 9.21
C ARG A 37 -5.79 -17.15 10.52
N THR A 38 -6.69 -17.95 11.08
CA THR A 38 -7.31 -17.63 12.35
C THR A 38 -7.08 -18.85 13.23
N VAL A 39 -6.58 -18.65 14.44
CA VAL A 39 -6.31 -19.76 15.35
C VAL A 39 -7.16 -19.70 16.63
N PRO A 40 -7.86 -20.82 16.93
CA PRO A 40 -8.65 -20.85 18.15
C PRO A 40 -7.80 -20.67 19.38
N ALA A 41 -8.35 -19.99 20.38
CA ALA A 41 -7.62 -19.81 21.64
C ALA A 41 -7.13 -21.18 22.10
N GLY A 42 -5.82 -21.29 22.34
CA GLY A 42 -5.25 -22.51 22.84
C GLY A 42 -4.57 -23.42 21.84
N ALA A 43 -4.91 -23.29 20.55
CA ALA A 43 -4.29 -24.16 19.54
C ALA A 43 -2.82 -23.81 19.37
N VAL A 44 -2.01 -24.84 19.11
CA VAL A 44 -0.57 -24.64 18.94
C VAL A 44 -0.27 -24.12 17.53
N ILE A 45 0.48 -23.05 17.44
CA ILE A 45 0.87 -22.51 16.15
C ILE A 45 2.13 -23.18 15.69
N CYS A 46 3.14 -23.18 16.56
CA CYS A 46 4.38 -23.88 16.23
C CYS A 46 5.02 -24.41 17.49
N ARG A 47 5.56 -25.63 17.43
CA ARG A 47 6.21 -26.27 18.59
C ARG A 47 7.71 -26.15 18.53
N ILE A 48 8.30 -25.86 19.69
CA ILE A 48 9.75 -25.74 19.79
C ILE A 48 10.42 -26.99 19.23
N GLY A 49 11.50 -26.80 18.46
CA GLY A 49 12.26 -27.91 17.95
C GLY A 49 11.95 -28.29 16.50
N GLU A 50 10.73 -28.04 16.04
CA GLU A 50 10.38 -28.39 14.68
C GLU A 50 10.92 -27.40 13.67
N PRO A 51 11.13 -27.85 12.42
CA PRO A 51 11.61 -26.96 11.38
C PRO A 51 10.59 -25.90 11.10
N GLY A 52 11.06 -24.68 10.87
CA GLY A 52 10.14 -23.61 10.58
C GLY A 52 10.24 -23.26 9.11
N ASP A 53 9.09 -23.05 8.47
CA ASP A 53 9.09 -22.69 7.06
C ASP A 53 8.28 -21.44 6.81
N ARG A 54 8.02 -20.66 7.85
CA ARG A 54 7.25 -19.43 7.70
C ARG A 54 7.36 -18.52 8.94
N MET A 55 7.15 -17.22 8.74
CA MET A 55 7.16 -16.29 9.86
C MET A 55 5.72 -15.82 10.02
N PHE A 56 5.39 -15.21 11.15
CA PHE A 56 4.01 -14.77 11.34
C PHE A 56 3.85 -13.32 11.69
N PHE A 57 2.64 -12.81 11.52
CA PHE A 57 2.31 -11.43 11.85
C PHE A 57 0.99 -11.47 12.60
N VAL A 58 0.91 -10.89 13.78
CA VAL A 58 -0.32 -10.87 14.54
C VAL A 58 -1.17 -9.72 14.01
N VAL A 59 -2.38 -10.05 13.58
CA VAL A 59 -3.29 -9.04 13.05
C VAL A 59 -4.28 -8.66 14.13
N GLU A 60 -4.73 -9.65 14.87
CA GLU A 60 -5.71 -9.43 15.93
C GLU A 60 -5.70 -10.58 16.93
N GLY A 61 -5.83 -10.25 18.21
CA GLY A 61 -5.81 -11.28 19.24
C GLY A 61 -4.40 -11.40 19.80
N SER A 62 -4.16 -12.45 20.58
CA SER A 62 -2.84 -12.67 21.20
C SER A 62 -2.26 -14.07 21.08
N VAL A 63 -0.95 -14.13 20.93
CA VAL A 63 -0.27 -15.42 20.88
C VAL A 63 0.57 -15.53 22.13
N SER A 64 0.90 -16.75 22.52
CA SER A 64 1.69 -16.99 23.69
C SER A 64 2.98 -17.67 23.34
N VAL A 65 4.08 -16.96 23.45
CA VAL A 65 5.40 -17.54 23.16
C VAL A 65 5.98 -18.21 24.40
N ALA A 66 6.10 -19.55 24.41
CA ALA A 66 6.65 -20.33 25.52
C ALA A 66 8.18 -20.18 25.54
N THR A 67 8.66 -19.04 25.92
CA THR A 67 10.11 -18.84 25.98
C THR A 67 10.61 -19.30 27.36
N PRO A 68 11.82 -18.78 27.80
CA PRO A 68 12.25 -19.10 29.22
C PRO A 68 11.19 -18.55 30.24
N ASN A 69 10.82 -17.33 29.89
CA ASN A 69 9.84 -16.49 30.52
C ASN A 69 8.75 -16.31 29.47
N PRO A 70 7.50 -16.70 29.78
CA PRO A 70 6.42 -16.58 28.72
C PRO A 70 6.10 -15.18 28.30
N VAL A 71 6.05 -14.87 27.04
CA VAL A 71 5.64 -13.49 26.73
C VAL A 71 4.37 -13.53 25.92
N GLU A 72 3.52 -12.52 26.06
CA GLU A 72 2.30 -12.46 25.29
C GLU A 72 2.43 -11.37 24.23
N LEU A 73 2.37 -11.76 22.95
CA LEU A 73 2.48 -10.81 21.84
C LEU A 73 1.10 -10.49 21.27
N GLY A 74 0.88 -9.22 20.96
CA GLY A 74 -0.43 -8.89 20.46
C GLY A 74 -0.44 -8.38 19.00
N PRO A 75 -1.42 -7.54 18.68
CA PRO A 75 -1.49 -6.97 17.30
C PRO A 75 -0.22 -6.20 16.88
N GLY A 76 0.35 -6.52 15.72
CA GLY A 76 1.52 -5.80 15.25
C GLY A 76 2.78 -6.60 15.45
N ALA A 77 2.69 -7.61 16.32
CA ALA A 77 3.85 -8.45 16.61
C ALA A 77 4.16 -9.39 15.45
N PHE A 78 5.40 -9.88 15.44
CA PHE A 78 5.89 -10.75 14.37
C PHE A 78 6.87 -11.80 14.93
N PHE A 79 6.82 -13.01 14.40
CA PHE A 79 7.73 -14.05 14.88
C PHE A 79 8.04 -15.13 13.84
N GLY A 80 8.95 -16.03 14.15
CA GLY A 80 9.30 -17.09 13.23
C GLY A 80 10.21 -16.65 12.11
N GLU A 81 10.59 -15.36 12.12
CA GLU A 81 11.49 -14.79 11.10
C GLU A 81 12.64 -15.74 10.73
N MET A 82 13.46 -16.08 11.72
CA MET A 82 14.66 -16.94 11.53
C MET A 82 14.46 -18.16 10.61
N ALA A 83 13.26 -18.70 10.54
CA ALA A 83 13.02 -19.86 9.67
C ALA A 83 13.25 -19.55 8.18
N LEU A 84 12.97 -18.31 7.78
CA LEU A 84 13.12 -17.89 6.38
C LEU A 84 14.57 -17.71 5.96
N ILE A 85 15.50 -17.68 6.90
CA ILE A 85 16.86 -17.51 6.47
C ILE A 85 17.80 -18.62 7.04
N SER A 86 17.39 -19.34 8.08
CA SER A 86 18.22 -20.41 8.68
C SER A 86 17.50 -21.73 8.88
N GLY A 87 18.21 -22.84 8.68
CA GLY A 87 17.64 -24.16 8.84
C GLY A 87 17.33 -24.49 10.32
N GLU A 88 17.71 -23.61 11.27
CA GLU A 88 17.47 -23.86 12.69
C GLU A 88 15.99 -23.95 13.05
N PRO A 89 15.72 -24.68 14.19
CA PRO A 89 14.32 -25.00 14.60
C PRO A 89 13.58 -23.82 15.21
N ARG A 90 12.33 -24.07 15.52
CA ARG A 90 11.57 -23.07 16.24
C ARG A 90 12.15 -23.13 17.64
N SER A 91 12.70 -22.01 18.07
CA SER A 91 13.33 -21.90 19.39
C SER A 91 12.30 -21.85 20.51
N ALA A 92 11.03 -21.72 20.17
CA ALA A 92 9.99 -21.67 21.19
C ALA A 92 8.62 -22.18 20.69
N THR A 93 7.72 -22.43 21.63
CA THR A 93 6.38 -22.90 21.32
C THR A 93 5.42 -21.73 21.35
N VAL A 94 4.85 -21.40 20.20
CA VAL A 94 3.92 -20.29 20.13
C VAL A 94 2.51 -20.82 19.87
N SER A 95 1.56 -20.33 20.65
CA SER A 95 0.17 -20.74 20.53
C SER A 95 -0.74 -19.55 20.74
N ALA A 96 -1.96 -19.64 20.22
CA ALA A 96 -2.92 -18.55 20.39
C ALA A 96 -3.34 -18.46 21.86
N ALA A 97 -3.22 -17.25 22.42
CA ALA A 97 -3.66 -17.00 23.79
C ALA A 97 -5.18 -16.85 23.73
N THR A 98 -5.64 -15.98 22.87
CA THR A 98 -7.05 -15.75 22.63
C THR A 98 -7.24 -16.21 21.20
N THR A 99 -8.47 -16.19 20.69
CA THR A 99 -8.59 -16.52 19.27
C THR A 99 -7.73 -15.50 18.57
N VAL A 100 -6.95 -15.95 17.60
CA VAL A 100 -6.03 -15.07 16.90
C VAL A 100 -6.11 -15.08 15.39
N SER A 101 -5.95 -13.91 14.80
CA SER A 101 -5.94 -13.76 13.36
C SER A 101 -4.47 -13.51 13.01
N LEU A 102 -3.95 -14.25 12.02
CA LEU A 102 -2.55 -14.14 11.61
C LEU A 102 -2.38 -14.06 10.11
N LEU A 103 -1.16 -13.70 9.73
CA LEU A 103 -0.76 -13.60 8.37
C LEU A 103 0.63 -14.25 8.34
N SER A 104 0.85 -15.19 7.44
CA SER A 104 2.16 -15.83 7.35
C SER A 104 2.81 -15.63 5.99
N LEU A 105 4.14 -15.62 6.00
CA LEU A 105 4.99 -15.51 4.84
C LEU A 105 5.71 -16.81 4.72
N HIS A 106 5.40 -17.60 3.74
CA HIS A 106 6.07 -18.87 3.59
C HIS A 106 7.49 -18.70 3.07
N SER A 107 8.39 -19.54 3.57
CA SER A 107 9.78 -19.50 3.17
C SER A 107 9.90 -19.45 1.64
N ALA A 108 9.25 -20.41 0.98
CA ALA A 108 9.27 -20.50 -0.47
C ALA A 108 8.78 -19.22 -1.16
N ASP A 109 7.70 -18.64 -0.65
CA ASP A 109 7.19 -17.42 -1.24
C ASP A 109 8.21 -16.31 -1.05
N PHE A 110 8.95 -16.38 0.05
CA PHE A 110 9.95 -15.37 0.37
C PHE A 110 11.08 -15.37 -0.66
N GLN A 111 11.56 -16.57 -0.98
CA GLN A 111 12.64 -16.73 -1.94
C GLN A 111 12.35 -16.23 -3.35
N MET A 112 11.10 -16.36 -3.79
CA MET A 112 10.77 -15.89 -5.14
C MET A 112 10.80 -14.37 -5.12
N LEU A 113 10.60 -13.80 -3.94
CA LEU A 113 10.66 -12.36 -3.77
C LEU A 113 12.10 -11.88 -3.82
N CYS A 114 12.99 -12.64 -3.20
CA CYS A 114 14.41 -12.31 -3.17
C CYS A 114 15.06 -12.58 -4.51
N SER A 115 14.47 -13.46 -5.30
CA SER A 115 14.94 -13.79 -6.63
C SER A 115 14.79 -12.54 -7.51
N SER A 116 13.75 -11.77 -7.21
CA SER A 116 13.47 -10.52 -7.93
C SER A 116 14.52 -9.51 -7.50
N SER A 117 14.30 -8.91 -6.32
CA SER A 117 15.23 -7.91 -5.76
C SER A 117 16.09 -8.53 -4.61
N PRO A 118 17.34 -8.85 -4.93
CA PRO A 118 18.30 -9.46 -3.95
C PRO A 118 18.53 -8.64 -2.67
N GLU A 119 18.06 -7.39 -2.69
CA GLU A 119 18.20 -6.51 -1.53
C GLU A 119 17.49 -7.16 -0.34
N ILE A 120 16.23 -7.55 -0.57
CA ILE A 120 15.40 -8.17 0.44
C ILE A 120 16.16 -9.12 1.38
N ALA A 121 16.86 -10.08 0.80
CA ALA A 121 17.63 -11.06 1.57
C ALA A 121 18.78 -10.45 2.36
N GLU A 122 19.43 -9.45 1.76
CA GLU A 122 20.56 -8.78 2.41
C GLU A 122 20.08 -8.05 3.66
N ILE A 123 19.05 -7.23 3.49
CA ILE A 123 18.48 -6.45 4.59
C ILE A 123 17.79 -7.30 5.65
N PHE A 124 17.09 -8.34 5.22
CA PHE A 124 16.39 -9.23 6.15
C PHE A 124 17.41 -9.93 7.07
N ARG A 125 18.32 -10.70 6.49
CA ARG A 125 19.33 -11.43 7.25
C ARG A 125 20.17 -10.53 8.17
N LYS A 126 20.66 -9.41 7.65
CA LYS A 126 21.48 -8.48 8.43
C LYS A 126 20.76 -8.00 9.68
N THR A 127 19.49 -7.65 9.54
CA THR A 127 18.72 -7.18 10.69
C THR A 127 18.49 -8.34 11.65
N ALA A 128 17.95 -9.42 11.12
CA ALA A 128 17.66 -10.61 11.91
C ALA A 128 18.81 -10.99 12.85
N LEU A 129 20.02 -11.12 12.31
CA LEU A 129 21.17 -11.50 13.13
C LEU A 129 21.61 -10.38 14.09
N GLU A 130 21.71 -9.15 13.62
CA GLU A 130 22.17 -8.10 14.52
C GLU A 130 21.29 -8.00 15.73
N ALA A 131 20.11 -8.60 15.62
CA ALA A 131 19.19 -8.57 16.75
C ALA A 131 19.59 -9.60 17.75
N ARG A 132 19.81 -10.81 17.26
CA ARG A 132 20.26 -11.84 18.13
C ARG A 132 21.55 -11.43 18.85
N GLY B 4 3.73 5.96 5.00
CA GLY B 4 3.61 7.38 5.48
C GLY B 4 3.06 8.24 4.36
N ASP B 5 3.87 8.47 3.33
CA ASP B 5 3.43 9.22 2.16
C ASP B 5 2.61 8.24 1.34
N PHE B 6 2.97 6.97 1.47
CA PHE B 6 2.31 5.90 0.76
C PHE B 6 0.87 5.64 1.15
N VAL B 7 0.60 5.56 2.44
CA VAL B 7 -0.77 5.29 2.88
C VAL B 7 -1.63 6.50 2.65
N ARG B 8 -1.13 7.67 3.00
CA ARG B 8 -1.89 8.89 2.72
C ARG B 8 -2.25 8.87 1.24
N ASN B 9 -1.23 8.80 0.39
CA ASN B 9 -1.43 8.78 -1.06
C ASN B 9 -2.41 7.70 -1.47
N TRP B 10 -2.34 6.55 -0.82
CA TRP B 10 -3.26 5.46 -1.07
C TRP B 10 -4.69 5.95 -0.85
N GLN B 11 -4.92 6.49 0.34
CA GLN B 11 -6.25 6.94 0.71
C GLN B 11 -6.77 8.08 -0.15
N LEU B 12 -5.88 8.96 -0.62
CA LEU B 12 -6.33 10.06 -1.50
C LEU B 12 -6.76 9.46 -2.84
N VAL B 13 -5.97 8.51 -3.35
CA VAL B 13 -6.31 7.87 -4.62
C VAL B 13 -7.58 6.99 -4.49
N ALA B 14 -7.72 6.33 -3.34
CA ALA B 14 -8.87 5.47 -3.08
C ALA B 14 -10.22 6.19 -2.99
N ALA B 15 -10.19 7.51 -2.78
CA ALA B 15 -11.43 8.26 -2.69
C ALA B 15 -12.01 8.62 -4.07
N VAL B 16 -11.24 8.40 -5.17
CA VAL B 16 -11.73 8.73 -6.57
C VAL B 16 -12.77 7.69 -7.04
N PRO B 17 -13.77 8.14 -7.82
CA PRO B 17 -14.93 7.23 -8.02
C PRO B 17 -14.52 6.17 -8.91
N LEU B 18 -13.95 6.82 -9.85
CA LEU B 18 -13.41 6.18 -10.98
C LEU B 18 -12.53 4.99 -10.65
N PHE B 19 -11.88 5.01 -9.50
CA PHE B 19 -10.99 3.91 -9.13
C PHE B 19 -11.70 2.85 -8.28
N GLN B 20 -13.00 3.05 -8.06
CA GLN B 20 -13.86 2.17 -7.23
C GLN B 20 -13.67 0.65 -7.44
N LYS B 21 -13.85 0.17 -8.67
CA LYS B 21 -13.77 -1.25 -8.94
C LYS B 21 -12.37 -1.84 -9.15
N LEU B 22 -11.34 -1.04 -8.93
CA LEU B 22 -9.98 -1.52 -9.12
C LEU B 22 -9.45 -2.28 -7.91
N GLY B 23 -8.62 -3.29 -8.16
CA GLY B 23 -8.05 -4.06 -7.07
C GLY B 23 -6.88 -3.33 -6.42
N PRO B 24 -6.34 -3.85 -5.31
CA PRO B 24 -5.20 -3.19 -4.65
C PRO B 24 -3.96 -3.07 -5.53
N ALA B 25 -3.60 -4.18 -6.18
CA ALA B 25 -2.43 -4.19 -7.05
C ALA B 25 -2.43 -3.03 -8.03
N VAL B 26 -3.62 -2.62 -8.45
CA VAL B 26 -3.76 -1.51 -9.40
C VAL B 26 -3.67 -0.14 -8.71
N LEU B 27 -4.18 -0.01 -7.47
CA LEU B 27 -4.09 1.27 -6.77
C LEU B 27 -2.62 1.54 -6.45
N VAL B 28 -1.86 0.48 -6.19
CA VAL B 28 -0.45 0.61 -5.90
C VAL B 28 0.25 1.20 -7.11
N GLU B 29 -0.25 0.84 -8.28
CA GLU B 29 0.30 1.31 -9.55
C GLU B 29 -0.01 2.79 -9.80
N ILE B 30 -1.26 3.17 -9.55
CA ILE B 30 -1.69 4.55 -9.71
C ILE B 30 -0.89 5.44 -8.77
N VAL B 31 -0.65 4.93 -7.56
CA VAL B 31 0.07 5.64 -6.51
C VAL B 31 1.52 5.93 -6.88
N ARG B 32 2.25 4.88 -7.26
CA ARG B 32 3.63 5.04 -7.65
C ARG B 32 3.72 6.05 -8.80
N ALA B 33 2.72 6.03 -9.66
CA ALA B 33 2.69 6.92 -10.81
C ALA B 33 2.46 8.39 -10.48
N LEU B 34 2.10 8.67 -9.23
CA LEU B 34 1.82 10.04 -8.79
C LEU B 34 3.06 10.92 -8.77
N ARG B 35 2.96 12.10 -9.36
CA ARG B 35 4.09 13.03 -9.40
C ARG B 35 3.82 14.24 -8.48
N ALA B 36 4.73 14.44 -7.53
CA ALA B 36 4.59 15.54 -6.58
C ALA B 36 4.88 16.89 -7.22
N ARG B 37 4.11 17.90 -6.79
CA ARG B 37 4.27 19.26 -7.30
C ARG B 37 3.85 20.26 -6.24
N THR B 38 4.50 21.41 -6.20
CA THR B 38 4.12 22.47 -5.27
C THR B 38 3.90 23.71 -6.13
N VAL B 39 2.76 24.38 -5.95
CA VAL B 39 2.46 25.57 -6.74
C VAL B 39 2.35 26.84 -5.90
N PRO B 40 3.08 27.90 -6.31
CA PRO B 40 3.04 29.17 -5.58
C PRO B 40 1.65 29.77 -5.60
N ALA B 41 1.26 30.42 -4.53
CA ALA B 41 -0.05 31.03 -4.48
C ALA B 41 -0.20 31.91 -5.71
N GLY B 42 -1.30 31.70 -6.44
CA GLY B 42 -1.56 32.51 -7.62
C GLY B 42 -1.17 31.93 -8.96
N ALA B 43 -0.26 30.96 -8.99
CA ALA B 43 0.14 30.38 -10.27
C ALA B 43 -0.99 29.56 -10.87
N VAL B 44 -1.11 29.60 -12.20
CA VAL B 44 -2.15 28.85 -12.89
C VAL B 44 -1.75 27.38 -13.02
N ILE B 45 -2.64 26.48 -12.61
CA ILE B 45 -2.38 25.05 -12.72
C ILE B 45 -2.84 24.61 -14.10
N CYS B 46 -4.08 24.93 -14.46
CA CYS B 46 -4.57 24.58 -15.79
C CYS B 46 -5.57 25.63 -16.21
N ARG B 47 -5.54 26.01 -17.50
CA ARG B 47 -6.46 27.01 -18.05
C ARG B 47 -7.59 26.38 -18.83
N ILE B 48 -8.78 26.91 -18.65
CA ILE B 48 -9.96 26.43 -19.34
C ILE B 48 -9.70 26.38 -20.86
N GLY B 49 -10.18 25.32 -21.50
CA GLY B 49 -10.02 25.19 -22.94
C GLY B 49 -8.86 24.36 -23.42
N GLU B 50 -7.78 24.30 -22.64
CA GLU B 50 -6.62 23.53 -23.07
C GLU B 50 -6.80 22.03 -22.83
N PRO B 51 -6.12 21.21 -23.63
CA PRO B 51 -6.22 19.76 -23.50
C PRO B 51 -5.68 19.36 -22.14
N GLY B 52 -6.35 18.41 -21.49
CA GLY B 52 -5.89 17.96 -20.20
C GLY B 52 -5.25 16.58 -20.34
N ASP B 53 -4.10 16.37 -19.70
CA ASP B 53 -3.44 15.09 -19.80
C ASP B 53 -3.13 14.53 -18.42
N ARG B 54 -3.80 15.06 -17.40
CA ARG B 54 -3.57 14.60 -16.04
C ARG B 54 -4.65 15.08 -15.08
N MET B 55 -4.83 14.36 -13.97
CA MET B 55 -5.80 14.76 -12.98
C MET B 55 -4.96 15.15 -11.76
N PHE B 56 -5.55 15.85 -10.80
CA PHE B 56 -4.79 16.27 -9.62
C PHE B 56 -5.41 15.87 -8.29
N PHE B 57 -4.58 15.87 -7.26
CA PHE B 57 -5.00 15.56 -5.91
C PHE B 57 -4.40 16.63 -5.02
N VAL B 58 -5.22 17.27 -4.20
CA VAL B 58 -4.72 18.31 -3.31
C VAL B 58 -4.18 17.63 -2.06
N VAL B 59 -2.91 17.89 -1.76
CA VAL B 59 -2.28 17.29 -0.58
C VAL B 59 -2.28 18.28 0.55
N GLU B 60 -2.02 19.53 0.21
CA GLU B 60 -1.96 20.60 1.20
C GLU B 60 -2.11 21.96 0.54
N GLY B 61 -2.86 22.84 1.20
CA GLY B 61 -3.09 24.16 0.64
C GLY B 61 -4.40 24.17 -0.11
N SER B 62 -4.65 25.22 -0.89
CA SER B 62 -5.91 25.34 -1.62
C SER B 62 -5.78 25.76 -3.07
N VAL B 63 -6.68 25.24 -3.91
CA VAL B 63 -6.69 25.61 -5.32
C VAL B 63 -7.99 26.36 -5.55
N SER B 64 -8.03 27.15 -6.61
CA SER B 64 -9.22 27.92 -6.91
C SER B 64 -9.73 27.52 -8.29
N VAL B 65 -10.89 26.89 -8.32
CA VAL B 65 -11.48 26.45 -9.59
C VAL B 65 -12.39 27.55 -10.12
N ALA B 66 -12.02 28.10 -11.28
CA ALA B 66 -12.79 29.19 -11.87
C ALA B 66 -14.03 28.73 -12.64
N THR B 67 -14.97 28.19 -11.92
CA THR B 67 -16.21 27.76 -12.53
C THR B 67 -17.08 29.03 -12.61
N PRO B 68 -18.32 28.94 -13.09
CA PRO B 68 -19.20 30.14 -13.09
C PRO B 68 -19.33 30.69 -11.68
N ASN B 69 -19.33 29.76 -10.75
CA ASN B 69 -19.29 30.09 -9.38
C ASN B 69 -17.96 29.53 -8.88
N PRO B 70 -17.05 30.46 -8.40
CA PRO B 70 -15.71 29.96 -7.99
C PRO B 70 -15.76 29.04 -6.81
N VAL B 71 -15.13 27.89 -6.86
CA VAL B 71 -15.13 27.14 -5.61
C VAL B 71 -13.69 26.94 -5.15
N GLU B 72 -13.49 26.86 -3.84
CA GLU B 72 -12.15 26.66 -3.31
C GLU B 72 -12.05 25.22 -2.79
N LEU B 73 -11.12 24.45 -3.38
CA LEU B 73 -10.91 23.05 -2.98
C LEU B 73 -9.64 22.93 -2.16
N GLY B 74 -9.70 22.11 -1.11
CA GLY B 74 -8.55 21.94 -0.25
C GLY B 74 -8.06 20.51 -0.15
N PRO B 75 -7.13 20.22 0.78
CA PRO B 75 -6.59 18.87 0.94
C PRO B 75 -7.63 17.76 0.87
N GLY B 76 -7.34 16.77 0.03
CA GLY B 76 -8.23 15.65 -0.16
C GLY B 76 -9.03 15.78 -1.44
N ALA B 77 -9.10 16.99 -1.96
CA ALA B 77 -9.85 17.23 -3.20
C ALA B 77 -9.06 16.70 -4.39
N PHE B 78 -9.77 16.42 -5.46
CA PHE B 78 -9.12 15.94 -6.67
C PHE B 78 -9.95 16.57 -7.77
N PHE B 79 -9.35 16.78 -8.91
CA PHE B 79 -10.04 17.43 -10.03
C PHE B 79 -9.35 17.09 -11.32
N GLY B 80 -10.04 17.31 -12.45
CA GLY B 80 -9.46 16.98 -13.74
C GLY B 80 -9.69 15.52 -14.10
N GLU B 81 -10.61 14.84 -13.38
CA GLU B 81 -10.94 13.43 -13.64
C GLU B 81 -11.26 13.11 -15.10
N MET B 82 -11.86 14.07 -15.78
CA MET B 82 -12.26 13.87 -17.14
C MET B 82 -11.07 13.79 -18.08
N ALA B 83 -9.91 14.27 -17.64
CA ALA B 83 -8.73 14.22 -18.51
C ALA B 83 -8.34 12.75 -18.72
N LEU B 84 -8.89 11.86 -17.90
CA LEU B 84 -8.57 10.44 -18.02
C LEU B 84 -9.67 9.65 -18.76
N ILE B 85 -10.93 9.99 -18.52
CA ILE B 85 -12.01 9.27 -19.20
C ILE B 85 -12.24 9.80 -20.61
N SER B 86 -12.19 11.12 -20.77
CA SER B 86 -12.38 11.74 -22.06
C SER B 86 -11.10 12.43 -22.55
N GLY B 87 -11.11 12.91 -23.78
CA GLY B 87 -10.03 13.66 -24.39
C GLY B 87 -10.29 15.17 -24.11
N GLU B 88 -11.58 15.56 -23.74
CA GLU B 88 -12.08 16.91 -23.43
C GLU B 88 -11.13 17.85 -22.70
N PRO B 89 -11.17 19.06 -23.19
CA PRO B 89 -10.28 20.03 -22.57
C PRO B 89 -10.55 20.24 -21.09
N ARG B 90 -9.77 21.05 -20.49
CA ARG B 90 -10.09 21.39 -19.14
C ARG B 90 -11.36 22.21 -19.24
N SER B 91 -12.28 21.92 -18.36
CA SER B 91 -13.57 22.62 -18.31
C SER B 91 -13.46 23.97 -17.60
N ALA B 92 -12.36 24.19 -16.88
CA ALA B 92 -12.20 25.45 -16.17
C ALA B 92 -10.75 25.72 -15.77
N THR B 93 -10.48 26.98 -15.47
CA THR B 93 -9.17 27.45 -15.05
C THR B 93 -9.00 27.17 -13.55
N VAL B 94 -7.85 26.62 -13.20
CA VAL B 94 -7.59 26.30 -11.81
C VAL B 94 -6.28 26.96 -11.37
N SER B 95 -6.31 27.59 -10.20
CA SER B 95 -5.15 28.27 -9.67
C SER B 95 -4.90 27.93 -8.23
N ALA B 96 -3.66 28.13 -7.79
CA ALA B 96 -3.34 27.88 -6.41
C ALA B 96 -3.96 29.09 -5.70
N ALA B 97 -4.90 28.85 -4.80
CA ALA B 97 -5.53 29.93 -4.06
C ALA B 97 -4.49 30.35 -3.00
N THR B 98 -3.79 29.36 -2.50
CA THR B 98 -2.75 29.56 -1.51
C THR B 98 -1.58 28.76 -2.12
N THR B 99 -0.38 28.87 -1.58
CA THR B 99 0.70 28.05 -2.13
C THR B 99 0.23 26.60 -1.86
N VAL B 100 0.21 25.76 -2.88
CA VAL B 100 -0.27 24.39 -2.72
C VAL B 100 0.74 23.29 -2.91
N SER B 101 0.32 22.07 -2.55
CA SER B 101 1.12 20.87 -2.69
C SER B 101 0.15 19.91 -3.35
N LEU B 102 0.44 19.50 -4.58
CA LEU B 102 -0.44 18.60 -5.34
C LEU B 102 0.21 17.29 -5.70
N LEU B 103 -0.60 16.33 -6.11
CA LEU B 103 -0.12 15.04 -6.58
C LEU B 103 -0.80 14.93 -7.93
N SER B 104 0.01 14.72 -8.97
CA SER B 104 -0.51 14.63 -10.34
C SER B 104 -0.49 13.21 -10.92
N LEU B 105 -1.47 12.88 -11.75
CA LEU B 105 -1.55 11.56 -12.38
C LEU B 105 -1.80 11.75 -13.87
N HIS B 106 -0.75 11.54 -14.66
CA HIS B 106 -0.83 11.73 -16.10
C HIS B 106 -1.69 10.67 -16.79
N SER B 107 -2.47 11.08 -17.78
CA SER B 107 -3.31 10.16 -18.53
C SER B 107 -2.48 9.01 -19.08
N ALA B 108 -1.40 9.36 -19.78
CA ALA B 108 -0.54 8.35 -20.37
C ALA B 108 -0.14 7.25 -19.36
N ASP B 109 0.04 7.61 -18.09
CA ASP B 109 0.40 6.61 -17.10
C ASP B 109 -0.79 5.66 -16.93
N PHE B 110 -1.98 6.24 -16.83
CA PHE B 110 -3.19 5.45 -16.68
C PHE B 110 -3.54 4.76 -18.01
N GLN B 111 -3.37 5.48 -19.13
CA GLN B 111 -3.66 4.93 -20.46
C GLN B 111 -2.94 3.58 -20.58
N MET B 112 -1.66 3.54 -20.24
CA MET B 112 -0.92 2.28 -20.36
C MET B 112 -1.16 1.27 -19.24
N LEU B 113 -1.61 1.74 -18.08
CA LEU B 113 -1.88 0.82 -17.00
C LEU B 113 -2.98 -0.12 -17.51
N CYS B 114 -3.93 0.43 -18.25
CA CYS B 114 -5.04 -0.32 -18.82
C CYS B 114 -4.57 -1.18 -19.99
N SER B 115 -3.60 -0.67 -20.74
CA SER B 115 -3.07 -1.37 -21.89
C SER B 115 -2.45 -2.69 -21.51
N SER B 116 -1.93 -2.75 -20.28
CA SER B 116 -1.25 -3.94 -19.77
C SER B 116 -2.17 -5.12 -19.48
N SER B 117 -3.35 -4.86 -18.93
CA SER B 117 -4.27 -5.95 -18.62
C SER B 117 -5.67 -5.76 -19.23
N PRO B 118 -6.14 -6.75 -20.01
CA PRO B 118 -7.47 -6.57 -20.58
C PRO B 118 -8.51 -6.40 -19.45
N GLU B 119 -8.33 -7.14 -18.35
CA GLU B 119 -9.26 -7.05 -17.23
C GLU B 119 -9.40 -5.65 -16.68
N ILE B 120 -8.32 -4.87 -16.70
CA ILE B 120 -8.38 -3.49 -16.20
C ILE B 120 -9.07 -2.56 -17.20
N ALA B 121 -8.75 -2.71 -18.48
CA ALA B 121 -9.36 -1.87 -19.52
C ALA B 121 -10.87 -1.99 -19.55
N GLU B 122 -11.37 -3.17 -19.16
CA GLU B 122 -12.79 -3.42 -19.14
C GLU B 122 -13.40 -2.78 -17.91
N ILE B 123 -12.69 -2.81 -16.79
CA ILE B 123 -13.16 -2.21 -15.56
C ILE B 123 -13.32 -0.71 -15.77
N PHE B 124 -12.28 -0.09 -16.36
CA PHE B 124 -12.31 1.35 -16.60
C PHE B 124 -13.51 1.70 -17.48
N ARG B 125 -13.75 0.92 -18.53
CA ARG B 125 -14.88 1.14 -19.42
C ARG B 125 -16.17 1.26 -18.60
N LYS B 126 -16.55 0.17 -17.95
CA LYS B 126 -17.76 0.13 -17.14
C LYS B 126 -17.80 1.35 -16.22
N THR B 127 -16.93 1.35 -15.22
CA THR B 127 -16.82 2.44 -14.25
C THR B 127 -16.70 3.79 -14.92
N ALA B 128 -17.14 4.03 -16.15
CA ALA B 128 -16.83 5.38 -16.66
C ALA B 128 -17.99 6.36 -16.75
N LEU B 129 -19.19 5.85 -16.55
CA LEU B 129 -20.31 6.74 -16.71
C LEU B 129 -21.02 7.15 -15.40
N GLU B 130 -21.13 8.50 -15.36
CA GLU B 130 -21.75 9.32 -14.28
C GLU B 130 -22.92 10.15 -14.81
I IOD C . 12.28 2.66 6.35
I IOD D . 1.69 -25.75 4.32
I IOD E . 2.05 -15.87 28.15
I IOD F . 4.37 -23.68 11.52
I IOD G . -4.05 -8.21 0.79
I IOD H . -1.27 -3.27 14.65
I IOD I . 11.30 -23.39 0.50
I IOD J . 13.90 -22.75 31.69
I IOD K . -8.64 2.57 2.38
I IOD L . 21.61 -17.33 9.16
I IOD M . 25.16 -8.24 16.85
I IOD N . 12.55 -12.99 26.71
S SO4 O . 9.76 -19.34 16.87
O1 SO4 O . 8.75 -19.52 15.80
O2 SO4 O . 11.11 -19.56 16.33
O3 SO4 O . 9.63 -17.98 17.41
O4 SO4 O . 9.49 -20.30 17.97
S SO4 P . -0.56 -21.43 10.12
O1 SO4 P . -1.73 -22.24 9.75
O2 SO4 P . 0.02 -20.85 8.89
O3 SO4 P . -0.99 -20.37 11.05
O4 SO4 P . 0.44 -22.31 10.77
K K Q . 3.12 -6.62 21.32
K K R . -1.23 -8.34 24.32
K K S . 9.82 -16.48 19.10
I IOD T . -8.30 -5.13 -11.42
I IOD U . -5.39 -6.77 -7.77
I IOD V . -15.04 10.46 -10.77
I IOD W . -20.91 26.48 -11.54
I IOD X . 3.34 3.74 7.25
I IOD Y . 8.77 21.08 -2.52
I IOD Z . -11.01 18.47 -16.76
I IOD AA . -11.85 20.64 -13.23
I IOD BA . -15.03 21.44 -8.98
I IOD CA . -4.28 7.03 8.53
I IOD DA . 6.55 27.21 -3.80
I IOD EA . -16.51 12.02 -4.94
I IOD FA . -8.58 18.83 -26.99
I IOD GA . 4.67 6.41 -2.63
I IOD HA . -13.60 16.49 -4.64
I IOD IA . 1.07 21.22 -11.86
I IOD JA . -12.41 27.98 -23.86
I IOD KA . 5.92 4.16 -4.74
I IOD LA . -2.12 11.72 -23.10
K K MA . -11.84 32.77 -9.40
#